data_7GSG
#
_entry.id   7GSG
#
_cell.length_a   89.834
_cell.length_b   89.834
_cell.length_c   106.577
_cell.angle_alpha   90.000
_cell.angle_beta   90.000
_cell.angle_gamma   120.000
#
_symmetry.space_group_name_H-M   'P 31 2 1'
#
loop_
_entity.id
_entity.type
_entity.pdbx_description
1 polymer 'Tyrosine-protein phosphatase non-receptor type 1'
2 non-polymer 2-AMINO-2-HYDROXYMETHYL-PROPANE-1,3-DIOL
3 non-polymer 'methyl 4-sulfamoylbenzoate'
4 water water
#
_entity_poly.entity_id   1
_entity_poly.type   'polypeptide(L)'
_entity_poly.pdbx_seq_one_letter_code
;MEMEKEFEQIDKSGSWAAIYQDIRHEASDFPSRVAKLPKNKNRNRYRDVSPFDHSRIKLHQEDNDYINASLIKMEEAQRS
YILTQGPLPNTVGHFWEMVWEQKSRGVVMLNRVMEKGSLKCAQYWPQKEEKEMIFEDTNLKLTLISEDIKSYYTVRQLEL
ENLTTQETREILHFHYTTWPDFGVPESPASFLNFLFKVRESGSLSPEHGPVVVHCSAGIGRSGTFCLADTCLLLMDKRKD
PSSVDIKKVLLEMRKFRMGLIQTADQLRFSYLAVIEGAKFIMGDSSVQDQWKELSHEDLEPPPEHIPPPPRPPKRILEPH
N
;
_entity_poly.pdbx_strand_id   A
#
loop_
_chem_comp.id
_chem_comp.type
_chem_comp.name
_chem_comp.formula
RZG non-polymer 'methyl 4-sulfamoylbenzoate' 'C8 H9 N O4 S'
TRS non-polymer 2-AMINO-2-HYDROXYMETHYL-PROPANE-1,3-DIOL 'C4 H12 N O3 1'
#
# COMPACT_ATOMS: atom_id res chain seq x y z
N MET A 1 25.50 9.14 4.52
CA MET A 1 25.89 9.68 3.17
C MET A 1 24.63 10.25 2.49
N GLU A 2 24.59 11.57 2.26
CA GLU A 2 23.52 12.25 1.47
C GLU A 2 23.10 11.31 0.33
N MET A 3 21.83 10.89 0.32
CA MET A 3 21.30 9.87 -0.62
C MET A 3 21.41 10.36 -2.07
N GLU A 4 21.34 11.68 -2.31
CA GLU A 4 21.49 12.31 -3.66
C GLU A 4 22.86 12.00 -4.26
N LYS A 5 23.90 11.88 -3.42
CA LYS A 5 25.28 11.57 -3.86
C LYS A 5 25.39 10.06 -4.02
N GLU A 6 24.93 9.31 -3.01
CA GLU A 6 24.82 7.84 -3.10
C GLU A 6 24.11 7.50 -4.42
N PHE A 7 23.11 8.29 -4.82
CA PHE A 7 22.28 8.06 -6.03
C PHE A 7 23.16 8.15 -7.29
N GLU A 8 23.85 9.27 -7.44
CA GLU A 8 24.73 9.56 -8.62
C GLU A 8 25.85 8.52 -8.67
N GLN A 9 26.44 8.14 -7.53
CA GLN A 9 27.47 7.08 -7.40
C GLN A 9 26.94 5.72 -7.93
N ILE A 10 25.71 5.31 -7.58
CA ILE A 10 25.15 4.00 -8.06
C ILE A 10 24.84 4.13 -9.57
N ASP A 11 24.28 5.27 -10.00
CA ASP A 11 23.88 5.51 -11.41
C ASP A 11 25.14 5.49 -12.30
N LYS A 12 26.17 6.25 -11.93
CA LYS A 12 27.39 6.35 -12.77
C LYS A 12 28.06 4.98 -12.83
N SER A 13 27.98 4.20 -11.74
CA SER A 13 28.57 2.83 -11.67
C SER A 13 27.60 1.78 -12.20
N GLY A 14 26.35 2.14 -12.55
CA GLY A 14 25.28 1.21 -12.94
C GLY A 14 25.28 -0.03 -12.06
N SER A 15 25.14 0.12 -10.73
CA SER A 15 25.11 -1.01 -9.78
C SER A 15 23.73 -1.22 -9.10
N TRP A 16 22.63 -0.76 -9.69
CA TRP A 16 21.28 -0.86 -9.06
C TRP A 16 20.96 -2.35 -8.76
N ALA A 17 21.23 -3.24 -9.71
CA ALA A 17 20.93 -4.68 -9.57
C ALA A 17 21.72 -5.27 -8.40
N ALA A 18 22.95 -4.80 -8.19
CA ALA A 18 23.82 -5.28 -7.10
C ALA A 18 23.30 -4.79 -5.73
N ILE A 19 22.98 -3.50 -5.57
CA ILE A 19 22.38 -2.96 -4.31
C ILE A 19 21.10 -3.77 -3.99
N TYR A 20 20.23 -3.96 -4.99
CA TYR A 20 18.90 -4.62 -4.83
C TYR A 20 19.11 -6.04 -4.31
N GLN A 21 20.01 -6.81 -4.94
CA GLN A 21 20.27 -8.20 -4.49
C GLN A 21 20.80 -8.23 -3.05
N ASP A 22 21.63 -7.27 -2.65
CA ASP A 22 22.11 -7.12 -1.24
C ASP A 22 20.93 -7.00 -0.26
N ILE A 23 19.95 -6.16 -0.58
CA ILE A 23 18.69 -6.06 0.22
C ILE A 23 18.01 -7.43 0.26
N ARG A 24 17.85 -8.09 -0.89
CA ARG A 24 17.12 -9.38 -0.94
C ARG A 24 17.81 -10.37 0.00
N HIS A 25 19.13 -10.33 0.04
CA HIS A 25 19.95 -11.29 0.84
C HIS A 25 19.82 -11.03 2.35
N GLU A 26 19.76 -9.75 2.78
CA GLU A 26 19.70 -9.37 4.22
C GLU A 26 18.27 -9.36 4.77
N ALA A 27 17.24 -9.53 3.93
CA ALA A 27 15.84 -9.34 4.34
C ALA A 27 15.46 -10.45 5.33
N SER A 28 14.57 -10.14 6.25
CA SER A 28 14.01 -11.03 7.27
C SER A 28 13.28 -12.21 6.63
N ASP A 29 13.29 -13.35 7.32
CA ASP A 29 12.49 -14.53 6.96
C ASP A 29 11.77 -15.00 8.21
N PHE A 30 10.45 -14.92 8.22
CA PHE A 30 9.60 -15.30 9.36
C PHE A 30 8.60 -16.30 8.82
N PRO A 31 8.04 -17.17 9.66
CA PRO A 31 7.01 -18.10 9.21
C PRO A 31 5.72 -17.40 8.72
N SER A 32 5.10 -18.06 7.72
CA SER A 32 3.76 -17.76 7.14
C SER A 32 2.90 -19.03 7.16
N ARG A 33 2.71 -19.66 8.30
CA ARG A 33 2.07 -21.01 8.36
C ARG A 33 0.57 -20.88 8.11
N VAL A 34 -0.10 -19.87 8.66
CA VAL A 34 -1.57 -19.70 8.45
C VAL A 34 -1.87 -19.53 6.94
N ALA A 35 -1.11 -18.72 6.22
CA ALA A 35 -1.29 -18.41 4.77
C ALA A 35 -1.26 -19.72 3.98
N LYS A 36 -0.46 -20.71 4.42
CA LYS A 36 -0.20 -21.95 3.62
C LYS A 36 -1.17 -23.07 4.01
N LEU A 37 -2.07 -22.91 4.98
CA LEU A 37 -3.07 -23.97 5.29
C LEU A 37 -3.95 -24.22 4.06
N PRO A 38 -4.30 -25.49 3.76
CA PRO A 38 -5.11 -25.82 2.60
C PRO A 38 -6.46 -25.10 2.55
N LYS A 39 -7.11 -24.85 3.68
CA LYS A 39 -8.40 -24.10 3.72
C LYS A 39 -8.21 -22.66 3.13
N ASN A 40 -6.99 -22.16 2.94
CA ASN A 40 -6.76 -20.71 2.61
C ASN A 40 -6.25 -20.56 1.16
N LYS A 41 -6.21 -21.65 0.40
CA LYS A 41 -5.59 -21.59 -0.93
C LYS A 41 -6.33 -20.60 -1.84
N ASN A 42 -7.65 -20.56 -1.80
CA ASN A 42 -8.39 -19.60 -2.67
C ASN A 42 -8.41 -18.20 -2.05
N ARG A 43 -7.71 -17.93 -0.93
CA ARG A 43 -7.66 -16.56 -0.32
C ARG A 43 -6.35 -15.86 -0.73
N ASN A 44 -5.51 -16.54 -1.51
CA ASN A 44 -4.18 -16.03 -1.91
C ASN A 44 -4.14 -15.90 -3.42
N ARG A 45 -3.80 -14.71 -3.89
CA ARG A 45 -3.70 -14.42 -5.35
C ARG A 45 -2.42 -15.08 -5.90
N TYR A 46 -1.31 -14.99 -5.16
CA TYR A 46 0.00 -15.52 -5.60
C TYR A 46 0.58 -16.47 -4.53
N ARG A 47 1.01 -17.63 -5.00
CA ARG A 47 1.57 -18.73 -4.16
C ARG A 47 2.84 -18.27 -3.42
N ASP A 48 3.63 -17.37 -4.00
CA ASP A 48 4.92 -16.92 -3.42
C ASP A 48 4.78 -15.57 -2.67
N VAL A 49 3.56 -15.07 -2.39
CA VAL A 49 3.39 -13.80 -1.62
C VAL A 49 2.43 -14.04 -0.48
N SER A 50 2.95 -14.08 0.74
CA SER A 50 2.16 -14.39 1.95
C SER A 50 2.51 -13.42 3.05
N PRO A 51 1.54 -13.15 3.93
CA PRO A 51 1.81 -12.40 5.15
C PRO A 51 2.53 -13.29 6.18
N PHE A 52 3.47 -12.73 6.92
CA PHE A 52 4.09 -13.39 8.10
C PHE A 52 3.01 -13.59 9.14
N ASP A 53 3.09 -14.70 9.90
CA ASP A 53 2.15 -14.94 11.04
C ASP A 53 2.20 -13.81 12.08
N HIS A 54 3.36 -13.23 12.38
CA HIS A 54 3.48 -12.30 13.54
C HIS A 54 2.76 -10.97 13.23
N SER A 55 2.71 -10.55 11.97
CA SER A 55 2.17 -9.21 11.56
C SER A 55 0.88 -9.31 10.73
N ARG A 56 0.30 -10.50 10.57
CA ARG A 56 -0.91 -10.63 9.69
C ARG A 56 -2.12 -9.97 10.35
N ILE A 57 -3.00 -9.37 9.53
CA ILE A 57 -4.29 -8.85 10.02
C ILE A 57 -5.23 -10.03 10.20
N LYS A 58 -5.84 -10.12 11.39
CA LYS A 58 -6.90 -11.08 11.72
C LYS A 58 -8.32 -10.51 11.51
N LEU A 59 -9.13 -11.21 10.72
CA LEU A 59 -10.58 -10.92 10.65
C LEU A 59 -11.26 -11.32 11.97
N HIS A 60 -12.23 -10.54 12.44
CA HIS A 60 -12.95 -10.75 13.73
C HIS A 60 -14.09 -11.73 13.45
N GLN A 61 -13.76 -12.98 13.17
CA GLN A 61 -14.78 -14.05 13.05
C GLN A 61 -14.12 -15.38 13.38
N GLU A 62 -14.91 -16.27 13.98
CA GLU A 62 -14.44 -17.54 14.60
C GLU A 62 -14.22 -18.58 13.50
N ASP A 63 -15.00 -18.49 12.41
CA ASP A 63 -14.95 -19.42 11.25
C ASP A 63 -13.50 -19.49 10.72
N ASN A 64 -13.06 -18.45 10.01
CA ASN A 64 -11.71 -18.40 9.39
C ASN A 64 -11.26 -16.95 9.43
N ASP A 65 -10.21 -16.64 10.20
CA ASP A 65 -9.79 -15.23 10.45
C ASP A 65 -8.79 -14.77 9.39
N TYR A 66 -8.57 -15.52 8.32
CA TYR A 66 -7.41 -15.27 7.43
C TYR A 66 -7.76 -14.26 6.31
N ILE A 67 -6.83 -13.31 6.06
CA ILE A 67 -6.77 -12.47 4.84
C ILE A 67 -5.28 -12.22 4.53
N ASN A 68 -4.95 -12.10 3.25
CA ASN A 68 -3.58 -11.78 2.80
C ASN A 68 -3.35 -10.26 2.97
N ALA A 69 -2.98 -9.86 4.17
CA ALA A 69 -2.82 -8.46 4.61
C ALA A 69 -1.86 -8.44 5.83
N SER A 70 -1.01 -7.42 5.88
CA SER A 70 0.05 -7.25 6.91
C SER A 70 -0.02 -5.85 7.53
N LEU A 71 0.25 -5.74 8.84
CA LEU A 71 0.39 -4.42 9.53
C LEU A 71 1.85 -3.99 9.55
N ILE A 72 2.20 -2.89 8.88
CA ILE A 72 3.58 -2.35 8.85
C ILE A 72 3.60 -1.21 9.89
N LYS A 73 4.23 -1.40 11.07
CA LYS A 73 4.23 -0.37 12.15
C LYS A 73 5.57 0.33 12.24
N MET A 74 5.66 1.63 11.85
CA MET A 74 6.96 2.33 11.79
C MET A 74 7.11 3.18 13.07
N GLU A 75 7.90 2.68 14.02
CA GLU A 75 7.92 3.19 15.42
C GLU A 75 8.45 4.63 15.46
N GLU A 76 9.61 4.89 14.88
CA GLU A 76 10.21 6.25 14.89
C GLU A 76 9.38 7.27 14.08
N ALA A 77 8.89 6.89 12.90
CA ALA A 77 8.05 7.80 12.07
C ALA A 77 6.67 7.98 12.68
N GLN A 78 6.20 7.10 13.59
CA GLN A 78 4.83 7.18 14.14
C GLN A 78 3.82 7.07 12.99
N ARG A 79 4.00 6.14 12.04
CA ARG A 79 3.00 5.81 10.99
C ARG A 79 2.74 4.32 10.98
N SER A 80 1.50 3.90 10.72
CA SER A 80 1.13 2.48 10.46
C SER A 80 0.47 2.36 9.09
N TYR A 81 0.71 1.26 8.39
CA TYR A 81 0.06 0.96 7.09
C TYR A 81 -0.41 -0.48 7.10
N ILE A 82 -1.56 -0.76 6.48
CA ILE A 82 -1.92 -2.16 6.14
C ILE A 82 -1.62 -2.35 4.66
N LEU A 83 -0.70 -3.24 4.30
CA LEU A 83 -0.46 -3.62 2.89
C LEU A 83 -1.17 -4.94 2.56
N THR A 84 -1.97 -4.97 1.47
CA THR A 84 -2.78 -6.16 1.12
C THR A 84 -2.69 -6.41 -0.39
N GLN A 85 -3.07 -7.60 -0.81
CA GLN A 85 -3.20 -7.95 -2.24
C GLN A 85 -4.45 -7.24 -2.80
N GLY A 86 -4.53 -7.10 -4.11
CA GLY A 86 -5.78 -6.80 -4.82
C GLY A 86 -6.83 -7.88 -4.49
N PRO A 87 -8.03 -7.51 -4.01
CA PRO A 87 -9.00 -8.50 -3.63
C PRO A 87 -9.41 -9.45 -4.78
N LEU A 88 -9.77 -10.68 -4.44
CA LEU A 88 -10.19 -11.73 -5.40
C LEU A 88 -11.71 -11.90 -5.32
N PRO A 89 -12.34 -12.58 -6.31
CA PRO A 89 -13.80 -12.75 -6.30
C PRO A 89 -14.34 -13.27 -4.97
N ASN A 90 -13.58 -14.14 -4.29
CA ASN A 90 -14.05 -14.79 -3.03
C ASN A 90 -13.48 -14.05 -1.80
N THR A 91 -12.83 -12.89 -1.95
CA THR A 91 -12.33 -12.11 -0.78
C THR A 91 -12.78 -10.64 -0.73
N VAL A 92 -13.69 -10.22 -1.61
CA VAL A 92 -14.15 -8.80 -1.63
C VAL A 92 -14.89 -8.50 -0.32
N GLY A 93 -15.67 -9.44 0.20
CA GLY A 93 -16.38 -9.27 1.48
C GLY A 93 -15.40 -9.18 2.65
N HIS A 94 -14.38 -10.05 2.69
CA HIS A 94 -13.28 -10.03 3.71
C HIS A 94 -12.56 -8.66 3.69
N PHE A 95 -12.25 -8.17 2.49
CA PHE A 95 -11.56 -6.88 2.31
C PHE A 95 -12.32 -5.78 3.07
N TRP A 96 -13.64 -5.64 2.82
CA TRP A 96 -14.42 -4.54 3.40
C TRP A 96 -14.66 -4.80 4.90
N GLU A 97 -14.72 -6.06 5.32
CA GLU A 97 -14.75 -6.43 6.75
C GLU A 97 -13.49 -5.90 7.47
N MET A 98 -12.31 -6.08 6.85
CA MET A 98 -11.03 -5.58 7.39
C MET A 98 -11.07 -4.05 7.50
N VAL A 99 -11.46 -3.36 6.42
CA VAL A 99 -11.54 -1.88 6.49
C VAL A 99 -12.39 -1.44 7.70
N TRP A 100 -13.56 -2.05 7.87
CA TRP A 100 -14.53 -1.76 8.95
C TRP A 100 -13.87 -2.02 10.32
N GLU A 101 -13.36 -3.23 10.53
CA GLU A 101 -12.82 -3.67 11.85
C GLU A 101 -11.58 -2.87 12.25
N GLN A 102 -10.74 -2.46 11.31
CA GLN A 102 -9.49 -1.73 11.61
C GLN A 102 -9.70 -0.23 11.69
N LYS A 103 -10.91 0.27 11.41
CA LYS A 103 -11.29 1.72 11.48
C LYS A 103 -10.52 2.61 10.50
N SER A 104 -10.16 2.05 9.35
CA SER A 104 -9.46 2.80 8.29
C SER A 104 -10.38 3.91 7.74
N ARG A 105 -9.78 5.02 7.35
CA ARG A 105 -10.43 6.17 6.69
C ARG A 105 -10.23 6.12 5.17
N GLY A 106 -9.10 5.59 4.72
CA GLY A 106 -8.68 5.64 3.30
C GLY A 106 -8.26 4.29 2.79
N VAL A 107 -8.49 4.07 1.49
CA VAL A 107 -7.97 2.91 0.68
C VAL A 107 -7.17 3.54 -0.44
N VAL A 108 -5.92 3.11 -0.60
CA VAL A 108 -4.99 3.55 -1.68
C VAL A 108 -4.79 2.40 -2.68
N MET A 109 -5.19 2.60 -3.94
CA MET A 109 -5.15 1.58 -5.01
C MET A 109 -4.15 2.07 -6.07
N LEU A 110 -3.13 1.27 -6.38
CA LEU A 110 -2.02 1.73 -7.26
C LEU A 110 -2.03 0.97 -8.60
N ASN A 111 -3.08 0.20 -8.88
CA ASN A 111 -3.16 -0.61 -10.13
C ASN A 111 -4.49 -0.33 -10.82
N ARG A 112 -4.62 -0.78 -12.09
CA ARG A 112 -5.90 -0.81 -12.84
C ARG A 112 -6.46 -2.22 -12.69
N VAL A 113 -7.78 -2.35 -12.76
CA VAL A 113 -8.46 -3.68 -12.66
C VAL A 113 -7.94 -4.62 -13.78
N MET A 114 -7.69 -4.10 -14.98
CA MET A 114 -7.05 -4.89 -16.05
C MET A 114 -5.73 -4.21 -16.44
N GLU A 115 -4.66 -5.00 -16.49
CA GLU A 115 -3.34 -4.54 -17.00
C GLU A 115 -2.72 -5.69 -17.82
N LYS A 116 -1.97 -5.37 -18.86
CA LYS A 116 -1.35 -6.42 -19.73
C LYS A 116 -2.39 -7.45 -20.20
N GLY A 117 -3.64 -7.04 -20.40
CA GLY A 117 -4.75 -7.88 -20.87
C GLY A 117 -5.23 -8.94 -19.91
N SER A 118 -4.93 -8.88 -18.61
CA SER A 118 -5.35 -9.88 -17.60
C SER A 118 -5.97 -9.15 -16.40
N LEU A 119 -6.78 -9.82 -15.61
CA LEU A 119 -7.40 -9.19 -14.42
C LEU A 119 -6.38 -9.18 -13.26
N LYS A 120 -6.10 -7.99 -12.73
CA LYS A 120 -5.13 -7.82 -11.62
C LYS A 120 -5.84 -7.70 -10.25
N CYS A 121 -7.12 -7.37 -10.25
CA CYS A 121 -7.98 -7.43 -9.04
C CYS A 121 -9.47 -7.27 -9.40
N ALA A 122 -10.31 -7.67 -8.48
CA ALA A 122 -11.77 -7.72 -8.67
C ALA A 122 -12.26 -6.27 -8.73
N GLN A 123 -13.40 -6.05 -9.40
CA GLN A 123 -14.13 -4.75 -9.34
C GLN A 123 -14.84 -4.73 -7.99
N TYR A 124 -14.18 -4.19 -6.95
CA TYR A 124 -14.60 -4.34 -5.52
C TYR A 124 -15.37 -3.12 -5.01
N TRP A 125 -15.60 -2.10 -5.85
CA TRP A 125 -16.35 -0.87 -5.44
C TRP A 125 -17.39 -0.54 -6.53
N PRO A 126 -18.52 0.12 -6.19
CA PRO A 126 -19.59 0.42 -7.17
C PRO A 126 -19.20 1.58 -8.10
N GLN A 127 -19.61 1.45 -9.37
CA GLN A 127 -19.24 2.40 -10.44
C GLN A 127 -20.37 3.45 -10.64
N LYS A 128 -21.55 3.19 -10.15
CA LYS A 128 -22.69 4.13 -10.27
C LYS A 128 -23.34 4.32 -8.93
N GLU A 129 -23.75 5.57 -8.68
CA GLU A 129 -24.41 5.98 -7.41
C GLU A 129 -25.59 5.05 -7.14
N GLU A 130 -26.45 4.84 -8.15
CA GLU A 130 -27.75 4.14 -7.92
C GLU A 130 -27.59 2.61 -7.95
N LYS A 131 -26.38 2.06 -8.06
CA LYS A 131 -26.21 0.59 -8.04
C LYS A 131 -25.23 0.20 -6.92
N GLU A 132 -25.71 0.11 -5.70
CA GLU A 132 -24.84 -0.15 -4.54
C GLU A 132 -24.47 -1.65 -4.54
N MET A 133 -23.47 -2.04 -3.76
CA MET A 133 -23.02 -3.46 -3.62
C MET A 133 -23.30 -3.94 -2.20
N ILE A 134 -23.83 -5.16 -2.07
CA ILE A 134 -24.08 -5.84 -0.77
C ILE A 134 -23.16 -7.06 -0.75
N PHE A 135 -22.38 -7.22 0.33
CA PHE A 135 -21.50 -8.38 0.59
C PHE A 135 -22.20 -9.25 1.65
N GLU A 136 -22.88 -10.31 1.22
CA GLU A 136 -23.81 -11.10 2.08
C GLU A 136 -23.01 -11.92 3.10
N ASP A 137 -21.80 -12.35 2.74
CA ASP A 137 -20.94 -13.18 3.64
C ASP A 137 -20.49 -12.34 4.86
N THR A 138 -20.27 -11.02 4.76
CA THR A 138 -19.80 -10.17 5.90
C THR A 138 -20.85 -9.13 6.35
N ASN A 139 -22.02 -9.08 5.71
CA ASN A 139 -23.16 -8.21 6.12
C ASN A 139 -22.80 -6.73 6.03
N LEU A 140 -22.23 -6.31 4.89
CA LEU A 140 -21.86 -4.89 4.62
C LEU A 140 -22.54 -4.38 3.35
N LYS A 141 -22.84 -3.08 3.31
CA LYS A 141 -23.31 -2.39 2.09
C LYS A 141 -22.36 -1.25 1.78
N LEU A 142 -22.07 -1.07 0.49
CA LEU A 142 -21.12 -0.07 -0.01
C LEU A 142 -21.82 0.74 -1.12
N THR A 143 -21.85 2.07 -0.98
CA THR A 143 -22.46 3.00 -2.00
C THR A 143 -21.46 4.00 -2.51
N LEU A 144 -21.42 4.23 -3.82
CA LEU A 144 -20.64 5.37 -4.35
C LEU A 144 -21.37 6.69 -4.07
N ILE A 145 -20.69 7.66 -3.42
CA ILE A 145 -21.27 8.98 -3.03
C ILE A 145 -20.86 10.00 -4.07
N SER A 146 -19.60 10.04 -4.49
CA SER A 146 -19.09 11.03 -5.45
C SER A 146 -17.79 10.51 -6.02
N GLU A 147 -17.38 11.07 -7.14
CA GLU A 147 -16.19 10.63 -7.90
C GLU A 147 -15.58 11.90 -8.48
N ASP A 148 -14.27 12.11 -8.33
CA ASP A 148 -13.51 13.26 -8.91
C ASP A 148 -12.37 12.71 -9.77
N ILE A 149 -12.54 12.73 -11.10
CA ILE A 149 -11.56 12.13 -12.06
C ILE A 149 -10.58 13.18 -12.53
N LYS A 150 -9.28 12.99 -12.29
CA LYS A 150 -8.20 13.91 -12.69
C LYS A 150 -7.33 13.17 -13.69
N SER A 151 -6.32 13.83 -14.22
CA SER A 151 -5.46 13.25 -15.28
C SER A 151 -4.64 12.06 -14.77
N TYR A 152 -4.16 12.05 -13.52
CA TYR A 152 -3.20 11.01 -13.06
C TYR A 152 -3.83 10.10 -11.97
N TYR A 153 -4.95 10.51 -11.40
CA TYR A 153 -5.63 9.79 -10.30
C TYR A 153 -7.10 10.21 -10.23
N THR A 154 -7.89 9.38 -9.56
CA THR A 154 -9.32 9.55 -9.24
C THR A 154 -9.52 9.43 -7.72
N VAL A 155 -10.27 10.32 -7.13
CA VAL A 155 -10.70 10.23 -5.70
C VAL A 155 -12.19 9.97 -5.65
N ARG A 156 -12.58 8.96 -4.88
CA ARG A 156 -14.01 8.62 -4.66
C ARG A 156 -14.36 8.73 -3.18
N GLN A 157 -15.57 9.23 -2.93
CA GLN A 157 -16.19 9.15 -1.60
C GLN A 157 -17.13 7.96 -1.61
N LEU A 158 -16.99 7.06 -0.63
CA LEU A 158 -17.80 5.83 -0.47
C LEU A 158 -18.48 5.85 0.90
N GLU A 159 -19.62 5.22 1.00
CA GLU A 159 -20.32 5.02 2.29
C GLU A 159 -20.35 3.52 2.59
N LEU A 160 -19.75 3.13 3.71
CA LEU A 160 -19.74 1.72 4.18
C LEU A 160 -20.70 1.59 5.36
N GLU A 161 -21.67 0.71 5.23
CA GLU A 161 -22.70 0.48 6.26
C GLU A 161 -22.55 -0.93 6.81
N ASN A 162 -22.43 -1.03 8.13
CA ASN A 162 -22.48 -2.32 8.86
C ASN A 162 -23.95 -2.70 9.01
N LEU A 163 -24.44 -3.67 8.23
CA LEU A 163 -25.91 -3.94 8.15
C LEU A 163 -26.40 -4.56 9.47
N THR A 164 -25.46 -5.03 10.31
CA THR A 164 -25.76 -5.64 11.63
C THR A 164 -26.22 -4.56 12.62
N THR A 165 -25.56 -3.39 12.64
CA THR A 165 -25.76 -2.29 13.63
C THR A 165 -26.33 -1.02 12.99
N GLN A 166 -26.33 -0.96 11.65
CA GLN A 166 -26.77 0.24 10.89
C GLN A 166 -25.86 1.44 11.20
N GLU A 167 -24.65 1.25 11.70
CA GLU A 167 -23.63 2.34 11.65
C GLU A 167 -23.15 2.50 10.20
N THR A 168 -22.76 3.71 9.84
CA THR A 168 -22.15 4.09 8.53
C THR A 168 -20.87 4.87 8.79
N ARG A 169 -19.93 4.80 7.84
CA ARG A 169 -18.70 5.62 7.83
C ARG A 169 -18.44 6.03 6.40
N GLU A 170 -17.80 7.17 6.25
CA GLU A 170 -17.27 7.65 4.97
C GLU A 170 -15.86 7.06 4.77
N ILE A 171 -15.61 6.34 3.69
CA ILE A 171 -14.26 5.88 3.26
C ILE A 171 -13.82 6.68 2.03
N LEU A 172 -12.61 7.18 1.99
CA LEU A 172 -12.03 7.81 0.79
C LEU A 172 -11.22 6.77 -0.01
N HIS A 173 -11.45 6.67 -1.32
CA HIS A 173 -10.71 5.77 -2.25
C HIS A 173 -9.79 6.62 -3.12
N PHE A 174 -8.47 6.49 -2.96
CA PHE A 174 -7.45 7.20 -3.73
C PHE A 174 -6.89 6.23 -4.77
N HIS A 175 -7.16 6.48 -6.07
CA HIS A 175 -6.88 5.54 -7.17
C HIS A 175 -5.89 6.16 -8.11
N TYR A 176 -4.64 5.72 -8.02
CA TYR A 176 -3.57 6.16 -8.94
C TYR A 176 -3.71 5.33 -10.21
N THR A 177 -4.08 5.95 -11.33
CA THR A 177 -4.57 5.26 -12.56
C THR A 177 -3.53 5.23 -13.68
N THR A 178 -2.34 5.80 -13.51
CA THR A 178 -1.40 6.01 -14.64
C THR A 178 -0.06 5.33 -14.42
N TRP A 179 0.09 4.40 -13.45
CA TRP A 179 1.37 3.64 -13.38
C TRP A 179 1.45 2.82 -14.67
N PRO A 180 2.55 2.88 -15.43
CA PRO A 180 2.66 2.12 -16.70
C PRO A 180 2.65 0.60 -16.54
N ASP A 181 2.13 -0.12 -17.55
CA ASP A 181 2.03 -1.61 -17.58
C ASP A 181 3.43 -2.23 -17.35
N PHE A 182 4.49 -1.68 -17.96
CA PHE A 182 5.91 -2.14 -17.78
C PHE A 182 6.78 -1.01 -17.17
N GLY A 183 7.76 -1.38 -16.36
CA GLY A 183 8.67 -0.42 -15.71
C GLY A 183 8.00 0.52 -14.68
N VAL A 184 8.56 1.72 -14.53
CA VAL A 184 8.19 2.70 -13.46
C VAL A 184 7.99 4.03 -14.16
N PRO A 185 7.30 5.02 -13.55
CA PRO A 185 7.14 6.31 -14.20
C PRO A 185 8.51 7.00 -14.44
N GLU A 186 8.61 7.78 -15.50
CA GLU A 186 9.85 8.49 -15.88
C GLU A 186 10.17 9.62 -14.88
N SER A 187 9.18 10.37 -14.41
CA SER A 187 9.31 11.38 -13.34
C SER A 187 8.40 11.02 -12.15
N PRO A 188 8.83 11.30 -10.90
CA PRO A 188 8.03 11.00 -9.72
C PRO A 188 7.07 12.13 -9.38
N ALA A 189 6.98 13.16 -10.23
CA ALA A 189 6.18 14.36 -9.92
C ALA A 189 4.73 13.95 -9.66
N SER A 190 4.10 13.15 -10.53
CA SER A 190 2.66 12.82 -10.38
C SER A 190 2.44 11.86 -9.18
N PHE A 191 3.36 10.94 -8.93
CA PHE A 191 3.29 10.05 -7.73
C PHE A 191 3.38 10.84 -6.41
N LEU A 192 4.31 11.79 -6.29
CA LEU A 192 4.43 12.71 -5.10
C LEU A 192 3.18 13.58 -4.97
N ASN A 193 2.67 14.16 -6.06
CA ASN A 193 1.39 14.91 -6.03
C ASN A 193 0.31 14.02 -5.39
N PHE A 194 0.23 12.76 -5.81
CA PHE A 194 -0.80 11.81 -5.32
C PHE A 194 -0.62 11.55 -3.81
N LEU A 195 0.62 11.29 -3.40
CA LEU A 195 0.95 11.03 -1.96
C LEU A 195 0.54 12.23 -1.09
N PHE A 196 0.79 13.46 -1.56
CA PHE A 196 0.38 14.69 -0.82
C PHE A 196 -1.13 14.84 -0.76
N LYS A 197 -1.86 14.36 -1.76
CA LYS A 197 -3.35 14.39 -1.71
C LYS A 197 -3.87 13.40 -0.67
N VAL A 198 -3.28 12.21 -0.60
CA VAL A 198 -3.68 11.24 0.47
C VAL A 198 -3.40 11.88 1.84
N ARG A 199 -2.22 12.45 2.02
CA ARG A 199 -1.84 13.03 3.35
C ARG A 199 -2.85 14.13 3.74
N GLU A 200 -3.17 15.01 2.78
CA GLU A 200 -4.07 16.17 3.02
C GLU A 200 -5.45 15.73 3.47
N SER A 201 -5.92 14.55 3.04
CA SER A 201 -7.23 13.96 3.38
C SER A 201 -7.38 13.60 4.87
N GLY A 202 -6.29 13.47 5.63
CA GLY A 202 -6.38 12.89 6.99
C GLY A 202 -6.26 11.37 7.03
N SER A 203 -6.22 10.69 5.89
CA SER A 203 -6.24 9.20 5.84
C SER A 203 -5.02 8.57 6.51
N LEU A 204 -3.87 9.28 6.59
CA LEU A 204 -2.59 8.72 7.15
C LEU A 204 -2.39 9.12 8.60
N SER A 205 -3.36 9.79 9.19
CA SER A 205 -3.19 10.46 10.50
C SER A 205 -3.62 9.57 11.67
N PRO A 206 -3.01 9.78 12.87
CA PRO A 206 -3.22 8.87 14.00
C PRO A 206 -4.60 8.84 14.61
N GLU A 207 -5.48 9.79 14.26
CA GLU A 207 -6.87 9.74 14.75
C GLU A 207 -7.67 8.65 14.03
N HIS A 208 -7.17 8.06 12.93
CA HIS A 208 -7.89 6.98 12.20
C HIS A 208 -7.13 5.65 12.39
N GLY A 209 -7.76 4.52 12.11
CA GLY A 209 -7.05 3.25 11.83
C GLY A 209 -6.05 3.40 10.69
N PRO A 210 -5.16 2.40 10.47
CA PRO A 210 -4.17 2.49 9.40
C PRO A 210 -4.86 2.53 8.02
N VAL A 211 -4.28 3.31 7.12
CA VAL A 211 -4.60 3.31 5.68
C VAL A 211 -4.43 1.88 5.12
N VAL A 212 -5.35 1.48 4.25
CA VAL A 212 -5.21 0.20 3.48
C VAL A 212 -4.59 0.51 2.15
N VAL A 213 -3.40 -0.08 1.84
CA VAL A 213 -2.70 0.09 0.55
C VAL A 213 -2.58 -1.21 -0.25
N HIS A 214 -2.96 -1.18 -1.54
CA HIS A 214 -2.82 -2.36 -2.41
C HIS A 214 -2.41 -2.04 -3.85
N CYS A 215 -1.84 -3.05 -4.49
CA CYS A 215 -1.64 -3.12 -5.94
C CYS A 215 -2.18 -4.48 -6.36
N SER A 216 -1.50 -5.24 -7.22
CA SER A 216 -1.92 -6.63 -7.44
C SER A 216 -1.43 -7.54 -6.30
N ALA A 217 -0.11 -7.63 -6.06
CA ALA A 217 0.40 -8.54 -5.00
C ALA A 217 0.50 -7.82 -3.66
N GLY A 218 0.47 -6.49 -3.65
CA GLY A 218 0.62 -5.71 -2.40
C GLY A 218 2.06 -5.66 -1.87
N ILE A 219 3.07 -5.66 -2.73
CA ILE A 219 4.50 -5.55 -2.30
C ILE A 219 5.30 -4.57 -3.14
N GLY A 220 5.01 -4.43 -4.43
CA GLY A 220 5.85 -3.65 -5.35
C GLY A 220 5.52 -2.17 -5.32
N ARG A 221 4.51 -1.75 -6.07
CA ARG A 221 4.04 -0.33 -6.04
C ARG A 221 3.63 0.05 -4.60
N SER A 222 2.93 -0.83 -3.90
CA SER A 222 2.52 -0.64 -2.49
C SER A 222 3.75 -0.33 -1.61
N GLY A 223 4.82 -1.11 -1.78
CA GLY A 223 6.11 -0.89 -1.09
C GLY A 223 6.67 0.51 -1.36
N THR A 224 6.59 0.96 -2.60
CA THR A 224 7.16 2.26 -3.03
C THR A 224 6.43 3.37 -2.29
N PHE A 225 5.10 3.30 -2.22
CA PHE A 225 4.24 4.32 -1.58
C PHE A 225 4.64 4.46 -0.09
N CYS A 226 4.65 3.38 0.69
CA CYS A 226 4.91 3.50 2.17
C CYS A 226 6.38 3.85 2.44
N LEU A 227 7.32 3.36 1.65
CA LEU A 227 8.77 3.69 1.79
C LEU A 227 8.99 5.19 1.56
N ALA A 228 8.41 5.74 0.50
CA ALA A 228 8.57 7.19 0.22
C ALA A 228 7.94 8.01 1.34
N ASP A 229 6.72 7.73 1.74
CA ASP A 229 6.03 8.48 2.83
C ASP A 229 6.89 8.48 4.11
N THR A 230 7.30 7.31 4.59
CA THR A 230 8.05 7.13 5.85
C THR A 230 9.38 7.90 5.76
N CYS A 231 10.11 7.80 4.66
CA CYS A 231 11.44 8.47 4.53
C CYS A 231 11.28 10.01 4.60
N LEU A 232 10.29 10.57 3.91
CA LEU A 232 10.02 12.03 3.93
C LEU A 232 9.60 12.49 5.34
N LEU A 233 8.80 11.70 6.05
CA LEU A 233 8.39 12.05 7.43
C LEU A 233 9.63 12.07 8.34
N LEU A 234 10.50 11.05 8.26
CA LEU A 234 11.74 11.01 9.09
C LEU A 234 12.65 12.22 8.77
N MET A 235 12.74 12.65 7.50
CA MET A 235 13.56 13.83 7.11
C MET A 235 12.98 15.11 7.74
N ASP A 236 11.68 15.20 7.98
CA ASP A 236 10.98 16.32 8.69
C ASP A 236 11.29 16.32 10.19
N LYS A 237 11.38 15.14 10.81
CA LYS A 237 11.37 14.94 12.26
C LYS A 237 12.79 15.11 12.80
N ARG A 238 13.81 14.67 12.09
CA ARG A 238 15.18 14.51 12.65
C ARG A 238 15.98 15.83 12.56
N LYS A 239 16.95 16.02 13.47
CA LYS A 239 17.85 17.21 13.41
C LYS A 239 18.71 17.12 12.16
N ASP A 240 19.11 15.92 11.74
CA ASP A 240 20.01 15.75 10.57
C ASP A 240 19.28 14.93 9.51
N PRO A 241 18.58 15.59 8.56
CA PRO A 241 17.86 14.90 7.48
C PRO A 241 18.70 13.98 6.58
N SER A 242 20.02 14.24 6.50
CA SER A 242 20.95 13.40 5.69
C SER A 242 21.12 12.03 6.34
N SER A 243 20.92 11.90 7.66
CA SER A 243 20.98 10.61 8.37
C SER A 243 19.91 9.61 7.88
N VAL A 244 18.96 10.00 7.01
CA VAL A 244 17.86 9.03 6.64
C VAL A 244 18.46 8.05 5.63
N ASP A 245 18.51 6.77 5.97
CA ASP A 245 19.11 5.73 5.10
C ASP A 245 17.97 4.87 4.50
N ILE A 246 17.67 5.07 3.23
CA ILE A 246 16.46 4.46 2.59
C ILE A 246 16.58 2.91 2.62
N LYS A 247 17.78 2.37 2.42
CA LYS A 247 18.02 0.90 2.43
C LYS A 247 17.72 0.36 3.82
N LYS A 248 18.09 1.08 4.88
CA LYS A 248 17.78 0.65 6.25
C LYS A 248 16.28 0.78 6.57
N VAL A 249 15.62 1.82 6.08
CA VAL A 249 14.14 1.92 6.28
C VAL A 249 13.45 0.74 5.58
N LEU A 250 13.84 0.45 4.34
CA LEU A 250 13.26 -0.68 3.57
C LEU A 250 13.47 -2.00 4.33
N LEU A 251 14.66 -2.25 4.89
CA LEU A 251 14.85 -3.52 5.64
C LEU A 251 13.97 -3.56 6.90
N GLU A 252 13.76 -2.43 7.58
CA GLU A 252 12.85 -2.38 8.74
C GLU A 252 11.43 -2.77 8.28
N MET A 253 10.98 -2.20 7.16
CA MET A 253 9.61 -2.49 6.63
C MET A 253 9.48 -3.97 6.24
N ARG A 254 10.55 -4.59 5.73
CA ARG A 254 10.56 -6.00 5.32
C ARG A 254 10.54 -6.93 6.54
N LYS A 255 10.66 -6.41 7.76
CA LYS A 255 10.42 -7.28 8.94
C LYS A 255 8.91 -7.58 9.04
N PHE A 256 8.03 -6.78 8.36
CA PHE A 256 6.58 -6.87 8.56
C PHE A 256 5.85 -7.51 7.35
N ARG A 257 6.40 -7.41 6.15
CA ARG A 257 5.84 -8.05 4.94
C ARG A 257 6.97 -8.34 3.98
N MET A 258 7.03 -9.57 3.43
CA MET A 258 8.09 -10.01 2.50
C MET A 258 8.03 -9.23 1.18
N GLY A 259 9.19 -9.08 0.54
CA GLY A 259 9.29 -8.76 -0.90
C GLY A 259 9.05 -7.29 -1.28
N LEU A 260 8.89 -6.39 -0.32
CA LEU A 260 8.54 -4.99 -0.59
C LEU A 260 9.60 -4.38 -1.49
N ILE A 261 9.18 -3.79 -2.63
CA ILE A 261 10.05 -3.31 -3.73
C ILE A 261 10.51 -4.56 -4.50
N GLN A 262 9.94 -4.75 -5.67
CA GLN A 262 10.03 -6.05 -6.43
C GLN A 262 11.16 -6.03 -7.47
N THR A 263 11.71 -4.88 -7.84
CA THR A 263 12.71 -4.73 -8.92
C THR A 263 13.75 -3.66 -8.57
N ALA A 264 14.92 -3.73 -9.21
CA ALA A 264 15.97 -2.68 -9.10
C ALA A 264 15.45 -1.35 -9.64
N ASP A 265 14.58 -1.32 -10.64
CA ASP A 265 13.97 -0.05 -11.15
C ASP A 265 13.04 0.58 -10.11
N GLN A 266 12.23 -0.21 -9.39
CA GLN A 266 11.38 0.28 -8.27
C GLN A 266 12.27 0.88 -7.15
N LEU A 267 13.40 0.24 -6.84
CA LEU A 267 14.33 0.80 -5.81
C LEU A 267 14.82 2.18 -6.29
N ARG A 268 15.31 2.26 -7.53
CA ARG A 268 15.81 3.55 -8.09
C ARG A 268 14.71 4.62 -8.08
N PHE A 269 13.49 4.28 -8.53
CA PHE A 269 12.34 5.20 -8.49
C PHE A 269 12.06 5.68 -7.05
N SER A 270 12.19 4.82 -6.03
CA SER A 270 11.94 5.19 -4.61
C SER A 270 12.96 6.26 -4.20
N TYR A 271 14.24 6.06 -4.51
CA TYR A 271 15.29 7.11 -4.27
C TYR A 271 14.88 8.43 -4.93
N LEU A 272 14.50 8.38 -6.20
CA LEU A 272 14.15 9.62 -6.98
C LEU A 272 13.00 10.36 -6.31
N ALA A 273 11.93 9.63 -5.91
CA ALA A 273 10.75 10.25 -5.27
C ALA A 273 11.16 10.93 -3.95
N VAL A 274 11.96 10.28 -3.11
CA VAL A 274 12.38 10.86 -1.80
C VAL A 274 13.25 12.11 -2.06
N ILE A 275 14.19 12.02 -2.99
CA ILE A 275 15.12 13.15 -3.28
C ILE A 275 14.31 14.34 -3.81
N GLU A 276 13.41 14.13 -4.76
CA GLU A 276 12.58 15.23 -5.33
C GLU A 276 11.57 15.72 -4.28
N GLY A 277 11.01 14.82 -3.47
CA GLY A 277 10.02 15.25 -2.45
C GLY A 277 10.67 16.08 -1.35
N ALA A 278 11.91 15.77 -0.96
CA ALA A 278 12.64 16.50 0.12
C ALA A 278 12.74 17.99 -0.24
N LYS A 279 12.84 18.34 -1.52
CA LYS A 279 12.91 19.76 -1.96
C LYS A 279 11.57 20.49 -1.70
N PHE A 280 10.53 19.85 -1.14
CA PHE A 280 9.37 20.53 -0.45
C PHE A 280 9.58 20.52 1.08
N ILE A 281 9.73 19.32 1.68
CA ILE A 281 9.93 19.07 3.14
C ILE A 281 10.93 20.09 3.74
N MET A 282 12.02 20.43 3.03
CA MET A 282 13.10 21.32 3.55
C MET A 282 12.85 22.78 3.15
N GLY A 283 11.60 23.14 2.83
CA GLY A 283 11.06 24.50 3.04
C GLY A 283 10.62 25.22 1.78
N ASP A 284 10.40 24.50 0.70
CA ASP A 284 10.22 25.18 -0.60
C ASP A 284 8.73 25.17 -0.98
C TRS B . 4.21 -8.16 17.07
C1 TRS B . 4.94 -8.41 15.74
C2 TRS B . 4.96 -7.19 17.99
C3 TRS B . 4.02 -9.48 17.78
N TRS B . 2.81 -7.63 16.80
O1 TRS B . 4.46 -7.58 14.68
O2 TRS B . 5.71 -6.22 17.25
O3 TRS B . 3.32 -10.43 16.95
H11 TRS B . 4.83 -9.35 15.50
H12 TRS B . 5.90 -8.26 15.87
H21 TRS B . 5.55 -7.68 18.59
H22 TRS B . 4.30 -6.70 18.54
H31 TRS B . 3.52 -9.34 18.61
H32 TRS B . 4.90 -9.84 18.01
HN1 TRS B . 2.20 -7.99 17.36
HN2 TRS B . 2.56 -7.82 15.94
HN3 TRS B . 2.79 -6.71 16.89
HO1 TRS B . 4.82 -7.52 13.83
HO2 TRS B . 6.17 -5.62 17.28
HO3 TRS B . 2.70 -10.04 16.53
C10 RZG C . -17.39 -10.69 -6.79
C01 RZG C . -20.37 -8.62 -3.58
C03 RZG C . -19.03 -9.54 -5.34
C05 RZG C . -18.08 -9.53 -6.42
C06 RZG C . -17.81 -8.38 -7.18
C07 RZG C . -16.87 -8.39 -8.27
C08 RZG C . -16.17 -9.55 -8.65
C09 RZG C . -16.47 -10.69 -7.89
N14 RZG C . -13.68 -10.38 -9.43
O02 RZG C . -19.52 -8.48 -4.76
O04 RZG C . -19.48 -10.64 -4.89
O12 RZG C . -14.72 -8.28 -10.42
O13 RZG C . -15.55 -10.39 -11.08
S11 RZG C . -15.02 -9.59 -10.01
H1 RZG C . -17.55 -11.62 -6.28
H2 RZG C . -19.91 -9.22 -2.79
H3 RZG C . -21.34 -9.12 -3.79
H4 RZG C . -20.66 -7.65 -3.16
H5 RZG C . -18.30 -7.45 -6.97
H6 RZG C . -16.73 -7.47 -8.80
H7 RZG C . -15.97 -11.62 -8.11
H8 RZG C . -13.20 -11.29 -9.79
H9 RZG C . -12.97 -10.09 -8.74
#